data_6Q96
#
_entry.id   6Q96
#
_cell.length_a   58.140
_cell.length_b   67.593
_cell.length_c   79.726
_cell.angle_alpha   90.000
_cell.angle_beta   90.000
_cell.angle_gamma   90.000
#
_symmetry.space_group_name_H-M   'P 21 21 21'
#
loop_
_entity.id
_entity.type
_entity.pdbx_description
1 polymer 'E3 ubiquitin-protein ligase Mdm2'
2 non-polymer 4-[(4~{S})-5-(5-chloranyl-2-oxidanylidene-1~{H}-pyridin-3-yl)-2-[2-(dimethylamino)-4-methoxy-pyrimidin-5-yl]-6-oxidanylidene-3-propan-2-yl-4~{H}-pyrrolo[3,4-c]pyrazol-4-yl]benzenecarbonitrile
3 non-polymer 'SULFATE ION'
4 water water
#
_entity_poly.entity_id   1
_entity_poly.type   'polypeptide(L)'
_entity_poly.pdbx_seq_one_letter_code
;GSQIPASEQETLVRPKPLLLKLLKSVGAQKDTYTMKEVLFYLGQYIMTKRLYDEKQQHIVYCSNDLLGDLFGVPSFSVKE
HRKIYTMIYRNLVVVN
;
_entity_poly.pdbx_strand_id   A,B
#
loop_
_chem_comp.id
_chem_comp.type
_chem_comp.name
_chem_comp.formula
HRE non-polymer 4-[(4~{S})-5-(5-chloranyl-2-oxidanylidene-1~{H}-pyridin-3-yl)-2-[2-(dimethylamino)-4-methoxy-pyrimidin-5-yl]-6-oxidanylidene-3-propan-2-yl-4~{H}-pyrrolo[3,4-c]pyrazol-4-yl]benzenecarbonitrile 'C27 H25 Cl N8 O3'
SO4 non-polymer 'SULFATE ION' 'O4 S -2'
#
# COMPACT_ATOMS: atom_id res chain seq x y z
N GLU A 10 -7.15 -19.16 4.15
CA GLU A 10 -6.17 -20.28 4.27
C GLU A 10 -6.27 -21.23 3.06
N THR A 11 -7.45 -21.27 2.46
CA THR A 11 -7.66 -21.98 1.19
C THR A 11 -7.06 -21.14 0.07
N LEU A 12 -6.65 -21.80 -1.01
CA LEU A 12 -6.01 -21.10 -2.13
C LEU A 12 -6.99 -20.79 -3.24
N VAL A 13 -6.84 -19.62 -3.86
CA VAL A 13 -7.59 -19.25 -5.07
C VAL A 13 -6.61 -19.09 -6.23
N ARG A 14 -7.11 -19.21 -7.45
CA ARG A 14 -6.28 -19.06 -8.64
C ARG A 14 -6.77 -17.90 -9.51
N PRO A 15 -6.01 -16.80 -9.55
CA PRO A 15 -6.37 -15.66 -10.40
C PRO A 15 -6.36 -16.05 -11.89
N LYS A 16 -7.28 -15.47 -12.66
CA LYS A 16 -7.22 -15.51 -14.12
C LYS A 16 -5.96 -14.78 -14.59
N PRO A 17 -5.53 -15.00 -15.85
CA PRO A 17 -4.27 -14.40 -16.32
C PRO A 17 -4.11 -12.90 -16.09
N LEU A 18 -5.14 -12.11 -16.41
CA LEU A 18 -5.06 -10.66 -16.29
C LEU A 18 -5.00 -10.16 -14.83
N LEU A 19 -5.72 -10.83 -13.93
CA LEU A 19 -5.59 -10.51 -12.51
C LEU A 19 -4.19 -10.90 -12.02
N LEU A 20 -3.70 -12.06 -12.46
CA LEU A 20 -2.35 -12.50 -12.12
C LEU A 20 -1.29 -11.49 -12.57
N LYS A 21 -1.48 -10.94 -13.76
CA LYS A 21 -0.57 -9.92 -14.29
C LYS A 21 -0.50 -8.69 -13.38
N LEU A 22 -1.67 -8.24 -12.93
CA LEU A 22 -1.75 -7.12 -11.99
C LEU A 22 -0.99 -7.43 -10.69
N LEU A 23 -1.21 -8.63 -10.14
CA LEU A 23 -0.58 -9.03 -8.89
C LEU A 23 0.94 -9.08 -9.04
N LYS A 24 1.40 -9.64 -10.15
CA LYS A 24 2.84 -9.72 -10.40
C LYS A 24 3.49 -8.35 -10.60
N SER A 25 2.71 -7.36 -11.06
CA SER A 25 3.20 -5.99 -11.20
C SER A 25 3.54 -5.33 -9.87
N VAL A 26 3.03 -5.88 -8.77
CA VAL A 26 3.38 -5.38 -7.44
C VAL A 26 4.21 -6.39 -6.63
N GLY A 27 4.88 -7.29 -7.34
CA GLY A 27 5.89 -8.15 -6.74
C GLY A 27 5.49 -9.56 -6.37
N ALA A 28 4.22 -9.92 -6.59
CA ALA A 28 3.76 -11.29 -6.33
C ALA A 28 4.43 -12.26 -7.29
N GLN A 29 4.71 -13.47 -6.79
CA GLN A 29 5.52 -14.41 -7.57
C GLN A 29 4.93 -15.82 -7.75
N LYS A 30 3.73 -16.05 -7.26
CA LYS A 30 3.12 -17.38 -7.38
C LYS A 30 1.87 -17.41 -8.24
N ASP A 31 1.31 -18.61 -8.43
CA ASP A 31 0.13 -18.81 -9.27
C ASP A 31 -1.16 -18.85 -8.46
N THR A 32 -1.05 -19.27 -7.20
CA THR A 32 -2.21 -19.39 -6.32
C THR A 32 -1.97 -18.62 -5.03
N TYR A 33 -3.05 -18.13 -4.43
CA TYR A 33 -2.97 -17.21 -3.30
C TYR A 33 -4.09 -17.45 -2.33
N THR A 34 -3.89 -17.04 -1.08
CA THR A 34 -5.00 -16.87 -0.15
C THR A 34 -5.73 -15.59 -0.55
N MET A 35 -6.99 -15.46 -0.13
CA MET A 35 -7.73 -14.22 -0.37
C MET A 35 -7.06 -13.02 0.33
N LYS A 36 -6.55 -13.26 1.54
CA LYS A 36 -5.82 -12.21 2.24
C LYS A 36 -4.64 -11.67 1.44
N GLU A 37 -3.91 -12.57 0.76
CA GLU A 37 -2.79 -12.17 -0.11
C GLU A 37 -3.25 -11.38 -1.33
N VAL A 38 -4.30 -11.87 -1.99
CA VAL A 38 -4.89 -11.16 -3.13
C VAL A 38 -5.28 -9.72 -2.74
N LEU A 39 -5.96 -9.58 -1.61
CA LEU A 39 -6.35 -8.25 -1.11
C LEU A 39 -5.15 -7.36 -0.81
N PHE A 40 -4.13 -7.96 -0.20
CA PHE A 40 -2.92 -7.19 0.14
C PHE A 40 -2.28 -6.58 -1.12
N TYR A 41 -2.13 -7.41 -2.16
CA TYR A 41 -1.53 -6.95 -3.40
C TYR A 41 -2.41 -5.98 -4.19
N LEU A 42 -3.72 -6.24 -4.21
CA LEU A 42 -4.64 -5.27 -4.84
C LEU A 42 -4.55 -3.92 -4.14
N GLY A 43 -4.49 -3.97 -2.81
CA GLY A 43 -4.30 -2.77 -2.00
C GLY A 43 -3.01 -2.04 -2.33
N GLN A 44 -1.92 -2.80 -2.42
CA GLN A 44 -0.63 -2.23 -2.83
C GLN A 44 -0.70 -1.53 -4.19
N TYR A 45 -1.40 -2.17 -5.12
CA TYR A 45 -1.58 -1.63 -6.46
C TYR A 45 -2.33 -0.29 -6.42
N ILE A 46 -3.43 -0.25 -5.68
CA ILE A 46 -4.25 0.96 -5.52
C ILE A 46 -3.46 2.12 -4.91
N MET A 47 -2.71 1.84 -3.85
CA MET A 47 -1.96 2.89 -3.15
C MET A 47 -0.74 3.38 -3.95
N THR A 48 0.04 2.44 -4.49
CA THR A 48 1.25 2.82 -5.24
C THR A 48 0.94 3.46 -6.58
N LYS A 49 -0.27 3.25 -7.09
CA LYS A 49 -0.70 3.96 -8.30
C LYS A 49 -1.57 5.19 -8.01
N ARG A 50 -1.84 5.44 -6.73
CA ARG A 50 -2.69 6.56 -6.28
C ARG A 50 -4.03 6.59 -7.03
N LEU A 51 -4.73 5.47 -7.02
CA LEU A 51 -6.02 5.39 -7.71
C LEU A 51 -7.17 5.94 -6.86
N TYR A 52 -6.94 6.11 -5.56
CA TYR A 52 -7.97 6.68 -4.69
C TYR A 52 -8.11 8.19 -4.92
N ASP A 53 -9.31 8.71 -4.67
CA ASP A 53 -9.58 10.13 -4.81
C ASP A 53 -8.98 10.92 -3.63
N GLU A 54 -8.39 12.07 -3.91
CA GLU A 54 -7.75 12.85 -2.84
C GLU A 54 -8.75 13.44 -1.85
N LYS A 55 -9.91 13.86 -2.36
CA LYS A 55 -10.95 14.46 -1.52
C LYS A 55 -11.80 13.42 -0.80
N GLN A 56 -12.21 12.38 -1.52
CA GLN A 56 -12.98 11.28 -0.93
C GLN A 56 -12.14 10.02 -0.97
N GLN A 57 -11.33 9.82 0.05
CA GLN A 57 -10.23 8.85 -0.01
C GLN A 57 -10.67 7.38 0.08
N HIS A 58 -11.94 7.14 0.34
CA HIS A 58 -12.48 5.77 0.29
C HIS A 58 -12.88 5.37 -1.13
N ILE A 59 -12.91 6.34 -2.04
CA ILE A 59 -13.32 6.07 -3.43
C ILE A 59 -12.11 5.79 -4.33
N VAL A 60 -12.12 4.62 -4.96
CA VAL A 60 -11.10 4.27 -5.95
C VAL A 60 -11.65 4.53 -7.36
N TYR A 61 -10.96 5.37 -8.12
CA TYR A 61 -11.29 5.59 -9.53
C TYR A 61 -10.36 4.74 -10.39
N CYS A 62 -10.96 3.77 -11.08
CA CYS A 62 -10.18 2.78 -11.83
C CYS A 62 -10.45 2.72 -13.34
N SER A 63 -11.27 3.65 -13.86
CA SER A 63 -11.42 3.82 -15.31
C SER A 63 -10.04 4.00 -15.94
N ASN A 64 -9.87 3.48 -17.17
CA ASN A 64 -8.63 3.66 -17.93
C ASN A 64 -7.40 3.06 -17.25
N ASP A 65 -7.64 2.01 -16.48
CA ASP A 65 -6.59 1.29 -15.79
C ASP A 65 -6.95 -0.18 -15.86
N LEU A 66 -5.93 -1.05 -15.85
CA LEU A 66 -6.14 -2.49 -15.82
C LEU A 66 -7.16 -2.90 -14.76
N LEU A 67 -7.11 -2.29 -13.58
CA LEU A 67 -8.03 -2.66 -12.49
C LEU A 67 -9.49 -2.45 -12.90
N GLY A 68 -9.78 -1.33 -13.55
CA GLY A 68 -11.12 -1.05 -14.06
C GLY A 68 -11.56 -2.05 -15.12
N ASP A 69 -10.63 -2.44 -16.00
CA ASP A 69 -10.88 -3.48 -17.01
C ASP A 69 -11.31 -4.81 -16.36
N LEU A 70 -10.56 -5.22 -15.34
CA LEU A 70 -10.81 -6.48 -14.62
C LEU A 70 -12.10 -6.48 -13.82
N PHE A 71 -12.34 -5.36 -13.13
CA PHE A 71 -13.50 -5.27 -12.24
C PHE A 71 -14.79 -4.91 -12.98
N GLY A 72 -14.67 -4.31 -14.15
CA GLY A 72 -15.83 -3.91 -14.96
C GLY A 72 -16.63 -2.75 -14.39
N VAL A 73 -15.99 -1.91 -13.58
CA VAL A 73 -16.62 -0.72 -13.01
C VAL A 73 -15.66 0.48 -13.17
N PRO A 74 -16.21 1.70 -13.24
CA PRO A 74 -15.35 2.91 -13.28
C PRO A 74 -14.76 3.28 -11.93
N SER A 75 -15.43 2.88 -10.85
CA SER A 75 -15.07 3.26 -9.49
C SER A 75 -15.75 2.34 -8.50
N PHE A 76 -15.23 2.32 -7.27
CA PHE A 76 -15.82 1.58 -6.18
C PHE A 76 -15.32 2.14 -4.86
N SER A 77 -16.02 1.81 -3.78
CA SER A 77 -15.64 2.23 -2.44
C SER A 77 -14.91 1.11 -1.71
N VAL A 78 -13.79 1.43 -1.06
CA VAL A 78 -13.05 0.43 -0.30
C VAL A 78 -13.83 -0.05 0.93
N LYS A 79 -14.90 0.68 1.27
CA LYS A 79 -15.76 0.28 2.40
C LYS A 79 -16.73 -0.85 2.00
N GLU A 80 -16.92 -1.05 0.70
CA GLU A 80 -17.91 -2.00 0.21
C GLU A 80 -17.26 -3.37 -0.03
N HIS A 81 -16.96 -4.04 1.08
CA HIS A 81 -16.15 -5.26 1.04
C HIS A 81 -16.82 -6.39 0.27
N ARG A 82 -18.14 -6.52 0.41
CA ARG A 82 -18.87 -7.60 -0.28
C ARG A 82 -18.78 -7.46 -1.80
N LYS A 83 -18.86 -6.24 -2.28
CA LYS A 83 -18.77 -5.97 -3.71
C LYS A 83 -17.35 -6.20 -4.22
N ILE A 84 -16.36 -5.89 -3.37
CA ILE A 84 -14.96 -6.19 -3.70
C ILE A 84 -14.76 -7.71 -3.87
N TYR A 85 -15.28 -8.50 -2.94
CA TYR A 85 -15.21 -9.96 -3.10
C TYR A 85 -15.89 -10.45 -4.38
N THR A 86 -17.04 -9.86 -4.74
CA THR A 86 -17.72 -10.19 -5.99
C THR A 86 -16.80 -9.96 -7.19
N MET A 87 -16.17 -8.78 -7.22
CA MET A 87 -15.34 -8.39 -8.35
C MET A 87 -14.08 -9.26 -8.46
N ILE A 88 -13.51 -9.63 -7.31
CA ILE A 88 -12.38 -10.56 -7.29
C ILE A 88 -12.80 -11.95 -7.77
N TYR A 89 -13.93 -12.45 -7.26
CA TYR A 89 -14.41 -13.78 -7.65
C TYR A 89 -14.70 -13.96 -9.14
N ARG A 90 -15.16 -12.90 -9.81
N ARG A 90 -15.17 -12.89 -9.81
CA ARG A 90 -15.37 -12.93 -11.26
CA ARG A 90 -15.37 -12.90 -11.26
C ARG A 90 -14.04 -13.05 -12.02
C ARG A 90 -14.04 -13.08 -12.01
N ASN A 91 -12.93 -12.90 -11.29
CA ASN A 91 -11.58 -12.97 -11.86
C ASN A 91 -10.76 -14.16 -11.37
N LEU A 92 -11.46 -15.20 -10.91
CA LEU A 92 -10.83 -16.43 -10.45
C LEU A 92 -11.19 -17.60 -11.36
N VAL A 93 -10.35 -18.63 -11.33
CA VAL A 93 -10.62 -19.90 -12.04
C VAL A 93 -10.45 -21.06 -11.04
N VAL A 94 -11.01 -22.22 -11.40
CA VAL A 94 -10.89 -23.40 -10.52
C VAL A 94 -9.42 -23.71 -10.25
N VAL A 95 -9.13 -24.06 -9.00
CA VAL A 95 -7.78 -24.46 -8.59
C VAL A 95 -7.61 -25.95 -8.88
N ASN A 96 -6.71 -26.27 -9.80
CA ASN A 96 -6.44 -27.66 -10.18
C ASN A 96 -5.18 -28.21 -9.53
N GLN B 9 -12.43 -2.06 10.17
CA GLN B 9 -12.90 -2.35 8.78
C GLN B 9 -11.72 -2.73 7.89
N GLU B 10 -10.77 -1.81 7.74
CA GLU B 10 -9.53 -2.08 7.03
C GLU B 10 -8.71 -3.15 7.76
N THR B 11 -8.21 -4.12 6.99
CA THR B 11 -7.29 -5.14 7.51
C THR B 11 -5.97 -4.46 7.88
N LEU B 12 -5.44 -4.79 9.06
CA LEU B 12 -4.18 -4.18 9.52
C LEU B 12 -2.97 -4.72 8.77
N VAL B 13 -1.97 -3.87 8.58
CA VAL B 13 -0.71 -4.26 7.94
C VAL B 13 0.35 -4.48 9.02
N ARG B 14 1.37 -5.26 8.70
CA ARG B 14 2.42 -5.59 9.66
C ARG B 14 3.77 -5.06 9.17
N PRO B 15 4.31 -4.03 9.84
CA PRO B 15 5.63 -3.52 9.48
C PRO B 15 6.73 -4.57 9.69
N LYS B 16 7.70 -4.60 8.78
CA LYS B 16 8.91 -5.39 8.95
C LYS B 16 9.73 -4.82 10.11
N PRO B 17 10.71 -5.59 10.63
CA PRO B 17 11.38 -5.17 11.87
C PRO B 17 11.99 -3.76 11.89
N LEU B 18 12.61 -3.32 10.79
CA LEU B 18 13.26 -2.01 10.75
C LEU B 18 12.23 -0.87 10.83
N LEU B 19 11.14 -0.99 10.08
CA LEU B 19 10.05 -0.01 10.16
C LEU B 19 9.38 -0.01 11.53
N LEU B 20 9.19 -1.19 12.10
CA LEU B 20 8.56 -1.30 13.41
C LEU B 20 9.41 -0.56 14.45
N LYS B 21 10.73 -0.72 14.36
CA LYS B 21 11.67 0.01 15.21
C LYS B 21 11.46 1.53 15.14
N LEU B 22 11.37 2.06 13.92
CA LEU B 22 11.11 3.49 13.70
C LEU B 22 9.78 3.93 14.32
N LEU B 23 8.72 3.19 14.04
CA LEU B 23 7.38 3.52 14.54
C LEU B 23 7.34 3.60 16.06
N LYS B 24 7.96 2.62 16.70
CA LYS B 24 8.02 2.55 18.16
C LYS B 24 8.87 3.65 18.78
N SER B 25 9.83 4.17 18.00
CA SER B 25 10.68 5.26 18.46
C SER B 25 9.91 6.57 18.61
N VAL B 26 8.79 6.69 17.89
CA VAL B 26 7.93 7.87 17.99
C VAL B 26 6.61 7.61 18.76
N GLY B 27 6.60 6.56 19.58
CA GLY B 27 5.48 6.33 20.50
C GLY B 27 4.56 5.16 20.22
N ALA B 28 4.63 4.60 19.01
CA ALA B 28 3.76 3.48 18.62
C ALA B 28 4.03 2.24 19.45
N GLN B 29 2.98 1.46 19.73
CA GLN B 29 3.08 0.35 20.68
C GLN B 29 2.41 -0.95 20.22
N LYS B 30 1.99 -1.00 18.96
CA LYS B 30 1.34 -2.19 18.40
C LYS B 30 2.27 -2.88 17.41
N ASP B 31 1.90 -4.09 16.98
CA ASP B 31 2.64 -4.80 15.96
C ASP B 31 2.01 -4.67 14.58
N THR B 32 0.75 -4.26 14.54
CA THR B 32 0.03 -4.10 13.26
C THR B 32 -0.76 -2.79 13.25
N TYR B 33 -0.94 -2.21 12.07
CA TYR B 33 -1.50 -0.86 11.92
C TYR B 33 -2.34 -0.70 10.66
N THR B 34 -3.17 0.33 10.66
CA THR B 34 -3.81 0.79 9.43
C THR B 34 -2.78 1.59 8.63
N MET B 35 -3.00 1.73 7.33
CA MET B 35 -2.11 2.52 6.48
C MET B 35 -1.99 3.97 6.99
N LYS B 36 -3.11 4.55 7.40
CA LYS B 36 -3.08 5.93 7.88
C LYS B 36 -2.28 6.11 9.18
N GLU B 37 -2.24 5.08 10.02
CA GLU B 37 -1.40 5.10 11.23
C GLU B 37 0.08 5.06 10.89
N VAL B 38 0.45 4.20 9.94
CA VAL B 38 1.83 4.12 9.47
C VAL B 38 2.28 5.47 8.90
N LEU B 39 1.45 6.04 8.01
CA LEU B 39 1.71 7.37 7.47
C LEU B 39 1.87 8.40 8.57
N PHE B 40 0.96 8.36 9.55
CA PHE B 40 1.00 9.33 10.65
C PHE B 40 2.31 9.30 11.44
N TYR B 41 2.72 8.10 11.86
CA TYR B 41 3.97 7.97 12.63
C TYR B 41 5.21 8.33 11.82
N LEU B 42 5.22 7.99 10.54
CA LEU B 42 6.33 8.40 9.67
C LEU B 42 6.38 9.92 9.55
N GLY B 43 5.20 10.54 9.41
CA GLY B 43 5.12 12.00 9.38
C GLY B 43 5.61 12.61 10.67
N GLN B 44 5.23 12.02 11.80
N GLN B 44 5.19 12.01 11.79
CA GLN B 44 5.65 12.54 13.10
CA GLN B 44 5.61 12.42 13.11
C GLN B 44 7.16 12.36 13.34
C GLN B 44 7.13 12.40 13.22
N TYR B 45 7.73 11.31 12.77
CA TYR B 45 9.18 11.12 12.77
C TYR B 45 9.90 12.24 12.00
N ILE B 46 9.43 12.50 10.78
CA ILE B 46 10.00 13.56 9.93
C ILE B 46 9.93 14.92 10.61
N MET B 47 8.77 15.24 11.20
CA MET B 47 8.58 16.55 11.84
C MET B 47 9.33 16.71 13.17
N THR B 48 9.47 15.62 13.93
CA THR B 48 10.16 15.71 15.22
C THR B 48 11.69 15.71 15.05
N LYS B 49 12.17 14.91 14.10
CA LYS B 49 13.62 14.90 13.80
C LYS B 49 14.03 16.04 12.87
N ARG B 50 13.05 16.74 12.32
CA ARG B 50 13.26 17.91 11.44
C ARG B 50 14.13 17.56 10.24
N LEU B 51 13.69 16.55 9.48
CA LEU B 51 14.47 16.02 8.37
C LEU B 51 14.25 16.77 7.06
N TYR B 52 13.31 17.70 7.06
CA TYR B 52 12.98 18.44 5.84
C TYR B 52 13.89 19.66 5.66
N ASP B 53 14.08 20.06 4.42
CA ASP B 53 14.98 21.16 4.08
C ASP B 53 14.49 22.50 4.63
N GLU B 54 15.45 23.36 4.99
CA GLU B 54 15.13 24.70 5.51
C GLU B 54 14.42 25.57 4.48
N LYS B 55 14.90 25.53 3.24
CA LYS B 55 14.41 26.42 2.19
C LYS B 55 13.32 25.81 1.33
N GLN B 56 13.50 24.55 0.94
CA GLN B 56 12.50 23.83 0.16
C GLN B 56 11.87 22.78 1.08
N GLN B 57 10.88 23.20 1.86
CA GLN B 57 10.38 22.40 2.97
C GLN B 57 9.70 21.08 2.58
N HIS B 58 9.31 20.95 1.32
CA HIS B 58 8.73 19.69 0.83
C HIS B 58 9.77 18.58 0.69
N ILE B 59 11.05 18.93 0.70
CA ILE B 59 12.11 17.94 0.49
C ILE B 59 12.59 17.35 1.82
N VAL B 60 12.53 16.03 1.93
CA VAL B 60 13.00 15.32 3.11
C VAL B 60 14.38 14.76 2.81
N TYR B 61 15.39 15.15 3.59
CA TYR B 61 16.72 14.58 3.46
C TYR B 61 16.90 13.50 4.52
N CYS B 62 17.06 12.25 4.07
CA CYS B 62 17.09 11.12 5.00
C CYS B 62 18.38 10.29 4.98
N SER B 63 19.40 10.76 4.25
CA SER B 63 20.75 10.18 4.34
C SER B 63 21.22 10.16 5.78
N ASN B 64 21.97 9.12 6.15
CA ASN B 64 22.56 9.02 7.49
C ASN B 64 21.51 9.00 8.60
N ASP B 65 20.36 8.42 8.29
CA ASP B 65 19.27 8.33 9.24
C ASP B 65 18.54 7.02 8.98
N LEU B 66 17.91 6.50 10.03
CA LEU B 66 17.10 5.27 9.93
C LEU B 66 16.12 5.33 8.75
N LEU B 67 15.49 6.48 8.55
CA LEU B 67 14.53 6.62 7.46
C LEU B 67 15.13 6.36 6.07
N GLY B 68 16.35 6.87 5.84
CA GLY B 68 17.08 6.60 4.62
C GLY B 68 17.43 5.14 4.46
N ASP B 69 17.82 4.49 5.57
CA ASP B 69 18.11 3.05 5.59
C ASP B 69 16.86 2.26 5.19
N LEU B 70 15.72 2.61 5.79
CA LEU B 70 14.42 2.00 5.48
C LEU B 70 14.03 2.14 4.01
N PHE B 71 14.13 3.36 3.50
CA PHE B 71 13.62 3.72 2.19
C PHE B 71 14.63 3.50 1.06
N GLY B 72 15.92 3.41 1.40
CA GLY B 72 16.97 3.21 0.40
C GLY B 72 17.15 4.36 -0.57
N VAL B 73 16.82 5.58 -0.14
CA VAL B 73 17.01 6.80 -0.93
C VAL B 73 17.66 7.89 -0.05
N PRO B 74 18.39 8.84 -0.67
CA PRO B 74 18.97 9.94 0.13
C PRO B 74 17.95 11.05 0.45
N SER B 75 16.90 11.14 -0.36
CA SER B 75 15.88 12.18 -0.21
C SER B 75 14.63 11.87 -1.02
N PHE B 76 13.56 12.56 -0.69
CA PHE B 76 12.31 12.48 -1.45
C PHE B 76 11.45 13.68 -1.11
N SER B 77 10.42 13.92 -1.91
CA SER B 77 9.48 15.00 -1.66
C SER B 77 8.21 14.45 -1.02
N VAL B 78 7.69 15.18 -0.03
CA VAL B 78 6.43 14.79 0.62
C VAL B 78 5.24 14.81 -0.35
N LYS B 79 5.43 15.46 -1.50
CA LYS B 79 4.41 15.50 -2.56
C LYS B 79 4.37 14.24 -3.44
N GLU B 80 5.42 13.43 -3.36
CA GLU B 80 5.56 12.22 -4.18
C GLU B 80 4.87 11.03 -3.51
N HIS B 81 3.53 11.06 -3.50
CA HIS B 81 2.76 10.09 -2.72
C HIS B 81 2.90 8.65 -3.22
N ARG B 82 2.92 8.47 -4.54
CA ARG B 82 3.12 7.13 -5.11
C ARG B 82 4.47 6.56 -4.68
N LYS B 83 5.51 7.39 -4.75
CA LYS B 83 6.84 6.96 -4.29
C LYS B 83 6.85 6.59 -2.80
N ILE B 84 6.19 7.40 -1.97
CA ILE B 84 6.14 7.16 -0.53
C ILE B 84 5.44 5.83 -0.22
N TYR B 85 4.28 5.60 -0.84
CA TYR B 85 3.62 4.30 -0.64
C TYR B 85 4.46 3.13 -1.14
N THR B 86 5.17 3.33 -2.25
CA THR B 86 6.05 2.28 -2.78
C THR B 86 7.13 1.92 -1.75
N MET B 87 7.75 2.94 -1.17
CA MET B 87 8.79 2.75 -0.16
C MET B 87 8.22 2.12 1.11
N ILE B 88 7.01 2.52 1.51
CA ILE B 88 6.34 1.92 2.66
C ILE B 88 6.05 0.43 2.44
N TYR B 89 5.47 0.08 1.28
CA TYR B 89 5.14 -1.32 1.01
C TYR B 89 6.33 -2.28 1.00
N ARG B 90 7.52 -1.78 0.67
CA ARG B 90 8.75 -2.58 0.75
C ARG B 90 9.04 -3.03 2.18
N ASN B 91 8.41 -2.35 3.14
CA ASN B 91 8.64 -2.58 4.56
C ASN B 91 7.41 -3.14 5.28
N LEU B 92 6.49 -3.72 4.52
CA LEU B 92 5.28 -4.33 5.06
C LEU B 92 5.14 -5.80 4.71
N VAL B 93 4.63 -6.57 5.67
CA VAL B 93 4.17 -7.95 5.48
C VAL B 93 2.64 -7.92 5.40
N VAL B 94 2.06 -8.87 4.67
CA VAL B 94 0.59 -9.05 4.59
C VAL B 94 -0.12 -9.16 5.95
C1 HRE C . -6.55 2.73 3.51
C3 HRE C . -6.15 4.86 2.57
C11 HRE C . -4.90 -0.87 1.11
C12 HRE C . -6.27 0.14 -0.83
C14 HRE C . -8.03 3.86 -0.91
C16 HRE C . -5.84 7.08 1.61
C17 HRE C . -8.04 -0.98 1.78
C18 HRE C . -9.04 -0.52 2.67
C19 HRE C . -9.95 -1.61 2.95
C21 HRE C . -8.24 -2.45 1.49
C23 HRE C . -8.49 -2.84 0.02
C24 HRE C . -7.85 -3.98 -0.51
C25 HRE C . -9.04 -3.65 -2.61
C26 HRE C . -9.69 -2.55 -2.08
C27 HRE C . -8.12 -4.38 -1.84
C28 HRE C . -9.43 -2.15 -0.76
C29 HRE C . -4.69 6.42 3.79
C30 HRE C . -9.33 -4.05 -3.96
N2 HRE C . -6.02 3.96 3.60
N4 HRE C . -6.80 4.49 1.44
C5 HRE C . -7.34 3.26 1.30
C6 HRE C . -7.25 2.34 2.35
N7 HRE C . -7.76 1.09 2.26
N8 HRE C . -8.86 0.69 2.93
C9 HRE C . -7.22 0.09 1.57
C10 HRE C . -5.98 0.16 0.71
O13 HRE C . -8.01 2.89 0.15
N15 HRE C . -5.58 6.10 2.66
N20 HRE C . -9.53 -2.70 2.26
O22 HRE C . -10.91 -1.46 3.70
N31 HRE C . -9.56 -4.37 -5.04
C32 HRE C . -10.13 -3.93 2.37
C33 HRE C . -9.71 -4.70 3.58
C34 HRE C . -11.10 -6.53 3.03
C35 HRE C . -11.55 -5.88 1.94
N36 HRE C . -10.21 -5.93 3.84
C37 HRE C . -11.06 -4.53 1.60
O38 HRE C . -8.89 -4.19 4.34
CL HRE C . -12.72 -6.66 0.89
S SO4 D . -25.59 -7.14 -0.83
O1 SO4 D . -26.03 -8.40 -0.24
O2 SO4 D . -25.76 -7.19 -2.28
O3 SO4 D . -26.39 -6.03 -0.29
O4 SO4 D . -24.18 -6.90 -0.50
S SO4 E . -23.22 -6.51 -9.08
O1 SO4 E . -24.39 -7.28 -8.65
O2 SO4 E . -23.03 -6.67 -10.52
O3 SO4 E . -23.44 -5.10 -8.76
O4 SO4 E . -22.02 -6.97 -8.38
C1 HRE F . 3.52 19.26 6.51
C3 HRE F . 5.27 20.75 7.02
C11 HRE F . 3.56 15.17 8.46
C12 HRE F . 5.88 15.06 7.34
C14 HRE F . 8.08 18.13 5.55
C16 HRE F . 7.10 22.31 7.50
C17 HRE F . 3.28 15.19 5.21
C18 HRE F . 2.93 15.96 4.07
C19 HRE F . 2.24 15.13 3.11
C21 HRE F . 2.76 13.79 5.01
C23 HRE F . 3.81 12.65 5.06
C24 HRE F . 3.61 11.49 5.84
C25 HRE F . 5.68 10.55 4.97
C26 HRE F . 5.86 11.70 4.18
C27 HRE F . 4.55 10.44 5.81
C28 HRE F . 4.93 12.74 4.22
C29 HRE F . 4.74 22.80 8.24
C30 HRE F . 6.69 9.53 4.88
N2 HRE F . 3.95 20.42 7.05
N4 HRE F . 6.16 19.89 6.45
C5 HRE F . 5.78 18.72 5.90
C6 HRE F . 4.44 18.37 5.91
N7 HRE F . 3.93 17.22 5.40
N8 HRE F . 3.32 17.15 4.22
C9 HRE F . 3.90 16.06 6.04
C10 HRE F . 4.52 15.81 7.43
O13 HRE F . 6.69 17.84 5.32
N15 HRE F . 5.69 21.92 7.57
N20 HRE F . 2.15 13.88 3.62
O22 HRE F . 1.84 15.59 2.05
N31 HRE F . 7.49 8.71 4.81
C32 HRE F . 1.49 12.87 2.93
C33 HRE F . 0.00 12.97 2.79
C34 HRE F . -0.15 10.93 1.59
C35 HRE F . 1.17 10.79 1.63
N36 HRE F . -0.72 12.00 2.16
C37 HRE F . 2.01 11.80 2.33
O38 HRE F . -0.62 13.92 3.25
CL HRE F . 1.91 9.39 0.88
#